data_4NTD
#
_entry.id   4NTD
#
_cell.length_a   96.350
_cell.length_b   96.350
_cell.length_c   133.490
_cell.angle_alpha   90.00
_cell.angle_beta   90.00
_cell.angle_gamma   120.00
#
_symmetry.space_group_name_H-M   'P 31 2 1'
#
loop_
_entity.id
_entity.type
_entity.pdbx_description
1 polymer 'Thioredoxin reductase'
2 non-polymer GLUTATHIONE
3 non-polymer 'FLAVIN-ADENINE DINUCLEOTIDE'
4 non-polymer GLYCEROL
5 non-polymer 'CHLORIDE ION'
6 non-polymer 'PHOSPHATE ION'
7 water water
#
_entity_poly.entity_id   1
_entity_poly.type   'polypeptide(L)'
_entity_poly.pdbx_seq_one_letter_code
;GSMSGSHHHHHHSGSMSENGSRNGFTHEGGIDVVVIGAGAGGLNAALVLARARRRVVLVDSGAPRNAPSAHMQGFLSRDG
MAPSALLETGRAEVSGYGAEFIRGEVDDVEREGEDDAPRFTVRLVGGVALSTRRVVVATGLRDELPDIPGVRERWGKDLL
HCPYCHGYEVSDQPLGVLGTSPGAVRHALLLRQWSDDVVLFRHGLELTDDDRRALSARQVPVIEGTVKRLVVEDDRLRGV
ELAEDSGVARSTVFVVPRMVPRDGLLTALGCERGADGWIATDRSGLTSVPGVWAVGNVVDPRALVVSSAGMGSAAAFALN
HQLVDEDVASAVRAAARTVA
;
_entity_poly.pdbx_strand_id   A
#
loop_
_chem_comp.id
_chem_comp.type
_chem_comp.name
_chem_comp.formula
CL non-polymer 'CHLORIDE ION' 'Cl -1'
FAD non-polymer 'FLAVIN-ADENINE DINUCLEOTIDE' 'C27 H33 N9 O15 P2'
GOL non-polymer GLYCEROL 'C3 H8 O3'
GSH non-polymer GLUTATHIONE 'C10 H17 N3 O6 S'
PO4 non-polymer 'PHOSPHATE ION' 'O4 P -3'
#
# COMPACT_ATOMS: atom_id res chain seq x y z
N ASN A 23 31.10 -5.98 4.45
CA ASN A 23 29.66 -6.28 4.17
C ASN A 23 28.85 -5.06 3.69
N GLY A 24 28.85 -3.99 4.50
CA GLY A 24 27.81 -2.95 4.42
C GLY A 24 28.02 -1.64 3.66
N PHE A 25 26.95 -0.85 3.65
CA PHE A 25 26.84 0.42 2.91
C PHE A 25 27.06 1.58 3.87
N THR A 26 27.97 2.49 3.53
CA THR A 26 28.29 3.63 4.37
C THR A 26 28.41 4.94 3.58
N HIS A 27 28.27 6.06 4.29
CA HIS A 27 28.64 7.37 3.77
C HIS A 27 29.23 8.18 4.92
N GLU A 28 30.34 8.89 4.65
CA GLU A 28 31.10 9.53 5.72
C GLU A 28 30.33 10.62 6.49
N GLY A 29 29.50 11.38 5.79
CA GLY A 29 28.59 12.33 6.46
C GLY A 29 27.53 11.67 7.35
N GLY A 30 27.29 10.37 7.13
CA GLY A 30 26.25 9.63 7.86
C GLY A 30 24.94 9.68 7.09
N ILE A 31 24.19 8.58 7.14
CA ILE A 31 22.89 8.50 6.48
C ILE A 31 21.82 9.03 7.44
N ASP A 32 20.97 9.92 6.96
CA ASP A 32 19.94 10.54 7.79
C ASP A 32 18.66 9.72 7.82
N VAL A 33 18.22 9.26 6.65
CA VAL A 33 16.97 8.51 6.53
C VAL A 33 17.10 7.34 5.58
N VAL A 34 16.60 6.18 6.00
CA VAL A 34 16.38 5.05 5.10
C VAL A 34 14.88 4.92 4.87
N VAL A 35 14.47 4.98 3.61
CA VAL A 35 13.08 4.80 3.22
C VAL A 35 12.93 3.38 2.69
N ILE A 36 12.09 2.59 3.36
CA ILE A 36 11.87 1.20 3.00
C ILE A 36 10.58 1.09 2.19
N GLY A 37 10.76 0.87 0.89
CA GLY A 37 9.65 0.88 -0.06
C GLY A 37 9.66 2.16 -0.88
N ALA A 38 9.60 2.02 -2.20
CA ALA A 38 9.62 3.15 -3.12
C ALA A 38 8.42 3.13 -4.06
N GLY A 39 7.24 2.96 -3.47
CA GLY A 39 6.00 3.33 -4.13
C GLY A 39 5.85 4.84 -3.99
N ALA A 40 4.66 5.36 -4.27
CA ALA A 40 4.43 6.80 -4.18
C ALA A 40 4.68 7.35 -2.77
N GLY A 41 4.36 6.55 -1.75
CA GLY A 41 4.58 6.96 -0.36
C GLY A 41 6.05 7.21 -0.05
N GLY A 42 6.88 6.19 -0.27
CA GLY A 42 8.30 6.31 -0.03
C GLY A 42 8.98 7.32 -0.93
N LEU A 43 8.57 7.36 -2.19
CA LEU A 43 9.18 8.29 -3.15
C LEU A 43 8.92 9.75 -2.79
N ASN A 44 7.70 10.09 -2.42
CA ASN A 44 7.41 11.48 -2.08
C ASN A 44 8.06 11.89 -0.75
N ALA A 45 8.19 10.94 0.18
CA ALA A 45 8.95 11.19 1.41
C ALA A 45 10.41 11.50 1.07
N ALA A 46 11.02 10.66 0.24
CA ALA A 46 12.42 10.85 -0.17
C ALA A 46 12.64 12.15 -0.94
N LEU A 47 11.67 12.51 -1.78
CA LEU A 47 11.77 13.73 -2.58
C LEU A 47 11.91 14.97 -1.69
N VAL A 48 11.03 15.10 -0.71
CA VAL A 48 11.05 16.24 0.21
C VAL A 48 12.29 16.21 1.10
N LEU A 49 12.67 15.03 1.59
CA LEU A 49 13.85 14.89 2.44
C LEU A 49 15.15 15.20 1.72
N ALA A 50 15.29 14.74 0.47
CA ALA A 50 16.48 15.03 -0.33
C ALA A 50 16.58 16.53 -0.66
N ARG A 51 15.43 17.15 -0.95
CA ARG A 51 15.37 18.59 -1.16
C ARG A 51 15.73 19.37 0.10
N ALA A 52 15.51 18.75 1.26
CA ALA A 52 15.93 19.31 2.55
C ALA A 52 17.40 19.00 2.90
N ARG A 53 18.14 18.50 1.91
CA ARG A 53 19.57 18.22 2.04
CA ARG A 53 19.57 18.22 2.02
C ARG A 53 19.90 17.15 3.07
N ARG A 54 18.93 16.25 3.32
CA ARG A 54 19.17 15.08 4.16
C ARG A 54 19.68 13.97 3.27
N ARG A 55 20.60 13.17 3.80
CA ARG A 55 21.15 12.03 3.06
CA ARG A 55 21.15 12.03 3.06
C ARG A 55 20.20 10.85 3.17
N VAL A 56 19.61 10.48 2.04
CA VAL A 56 18.57 9.45 1.98
C VAL A 56 19.01 8.25 1.15
N VAL A 57 18.75 7.06 1.67
CA VAL A 57 18.87 5.81 0.92
C VAL A 57 17.51 5.14 0.87
N LEU A 58 17.05 4.80 -0.33
CA LEU A 58 15.82 4.02 -0.49
C LEU A 58 16.18 2.58 -0.78
N VAL A 59 15.50 1.65 -0.11
CA VAL A 59 15.61 0.23 -0.40
C VAL A 59 14.22 -0.26 -0.81
N ASP A 60 14.11 -0.81 -2.03
CA ASP A 60 12.81 -1.21 -2.58
C ASP A 60 12.90 -2.55 -3.32
N SER A 61 11.95 -3.43 -3.06
CA SER A 61 11.98 -4.79 -3.61
C SER A 61 11.31 -4.94 -4.99
N GLY A 62 10.76 -3.86 -5.52
CA GLY A 62 10.27 -3.82 -6.91
C GLY A 62 8.92 -4.45 -7.17
N ALA A 63 8.03 -4.38 -6.18
CA ALA A 63 6.70 -5.00 -6.29
C ALA A 63 5.57 -4.02 -5.93
N PRO A 64 5.34 -3.00 -6.77
CA PRO A 64 4.22 -2.08 -6.54
C PRO A 64 2.88 -2.82 -6.53
N ARG A 65 2.01 -2.47 -5.59
CA ARG A 65 0.74 -3.17 -5.43
C ARG A 65 -0.12 -3.11 -6.70
N ASN A 66 -0.10 -1.99 -7.40
CA ASN A 66 -0.95 -1.81 -8.59
C ASN A 66 -0.25 -2.13 -9.93
N ALA A 67 0.87 -2.84 -9.86
CA ALA A 67 1.58 -3.28 -11.07
C ALA A 67 0.70 -4.06 -12.07
N PRO A 68 -0.24 -4.87 -11.57
CA PRO A 68 -1.14 -5.61 -12.47
C PRO A 68 -2.08 -4.76 -13.35
N SER A 69 -2.32 -3.51 -12.95
N SER A 69 -2.34 -3.52 -12.96
CA SER A 69 -3.17 -2.59 -13.69
CA SER A 69 -3.22 -2.64 -13.74
C SER A 69 -2.33 -1.70 -14.62
C SER A 69 -2.41 -1.67 -14.59
N ALA A 70 -2.66 -1.70 -15.90
CA ALA A 70 -1.88 -0.95 -16.90
C ALA A 70 -1.85 0.57 -16.72
N HIS A 71 -2.93 1.14 -16.19
CA HIS A 71 -3.02 2.59 -16.01
C HIS A 71 -3.62 2.91 -14.65
N MET A 72 -3.05 3.89 -13.95
CA MET A 72 -3.64 4.34 -12.70
C MET A 72 -4.55 5.55 -12.97
N GLN A 73 -5.57 5.68 -12.14
CA GLN A 73 -6.56 6.74 -12.28
C GLN A 73 -6.73 7.49 -10.95
N GLY A 74 -7.11 8.76 -11.05
CA GLY A 74 -7.51 9.55 -9.88
C GLY A 74 -6.42 10.34 -9.16
N PHE A 75 -5.22 10.37 -9.74
CA PHE A 75 -4.07 11.11 -9.21
C PHE A 75 -3.99 12.44 -9.97
N LEU A 76 -4.17 13.56 -9.27
CA LEU A 76 -4.27 14.87 -9.91
C LEU A 76 -3.12 15.15 -10.89
N SER A 77 -3.50 15.46 -12.14
CA SER A 77 -2.57 15.75 -13.25
C SER A 77 -1.93 14.51 -13.89
N ARG A 78 -2.15 13.34 -13.31
CA ARG A 78 -1.60 12.08 -13.83
C ARG A 78 -2.70 11.02 -13.99
N ASP A 79 -3.92 11.46 -14.26
CA ASP A 79 -5.03 10.54 -14.48
C ASP A 79 -4.78 9.76 -15.77
N GLY A 80 -4.65 8.44 -15.64
CA GLY A 80 -4.38 7.55 -16.78
C GLY A 80 -2.92 7.16 -16.98
N MET A 81 -2.03 7.69 -16.15
CA MET A 81 -0.60 7.40 -16.25
C MET A 81 -0.30 5.94 -15.89
N ALA A 82 0.61 5.31 -16.61
CA ALA A 82 1.06 3.96 -16.28
C ALA A 82 1.80 3.99 -14.94
N PRO A 83 1.51 3.03 -14.04
CA PRO A 83 2.25 2.98 -12.77
C PRO A 83 3.78 2.99 -12.94
N SER A 84 4.28 2.23 -13.90
CA SER A 84 5.73 2.17 -14.15
C SER A 84 6.29 3.54 -14.56
N ALA A 85 5.49 4.34 -15.27
CA ALA A 85 5.91 5.67 -15.69
C ALA A 85 5.94 6.64 -14.50
N LEU A 86 4.94 6.55 -13.62
CA LEU A 86 4.94 7.36 -12.39
C LEU A 86 6.21 7.10 -11.58
N LEU A 87 6.53 5.81 -11.40
CA LEU A 87 7.67 5.43 -10.60
C LEU A 87 9.00 5.81 -11.28
N GLU A 88 9.11 5.60 -12.59
CA GLU A 88 10.30 6.01 -13.33
C GLU A 88 10.55 7.51 -13.19
N THR A 89 9.51 8.30 -13.37
CA THR A 89 9.60 9.76 -13.25
C THR A 89 9.99 10.17 -11.83
N GLY A 90 9.32 9.57 -10.85
CA GLY A 90 9.60 9.84 -9.44
C GLY A 90 11.01 9.48 -9.01
N ARG A 91 11.48 8.31 -9.44
N ARG A 91 11.48 8.32 -9.44
CA ARG A 91 12.84 7.87 -9.13
CA ARG A 91 12.84 7.88 -9.13
C ARG A 91 13.90 8.82 -9.72
C ARG A 91 13.89 8.82 -9.72
N ALA A 92 13.63 9.32 -10.92
CA ALA A 92 14.53 10.27 -11.58
C ALA A 92 14.60 11.60 -10.82
N GLU A 93 13.45 12.08 -10.35
CA GLU A 93 13.41 13.29 -9.53
C GLU A 93 14.23 13.10 -8.26
N VAL A 94 13.97 12.01 -7.55
CA VAL A 94 14.60 11.73 -6.28
C VAL A 94 16.12 11.54 -6.41
N SER A 95 16.54 10.76 -7.41
CA SER A 95 17.97 10.53 -7.64
C SER A 95 18.70 11.80 -8.10
N GLY A 96 17.98 12.67 -8.80
CA GLY A 96 18.52 13.97 -9.22
C GLY A 96 18.95 14.86 -8.05
N TYR A 97 18.29 14.71 -6.91
CA TYR A 97 18.64 15.44 -5.70
C TYR A 97 19.72 14.75 -4.86
N GLY A 98 20.19 13.58 -5.31
CA GLY A 98 21.31 12.90 -4.67
C GLY A 98 20.93 11.74 -3.75
N ALA A 99 19.65 11.45 -3.61
CA ALA A 99 19.22 10.28 -2.86
C ALA A 99 19.67 9.03 -3.62
N GLU A 100 19.95 7.96 -2.88
CA GLU A 100 20.49 6.74 -3.46
C GLU A 100 19.49 5.59 -3.37
N PHE A 101 19.45 4.77 -4.42
CA PHE A 101 18.52 3.65 -4.52
C PHE A 101 19.24 2.31 -4.47
N ILE A 102 18.65 1.38 -3.73
CA ILE A 102 19.05 -0.03 -3.76
C ILE A 102 17.81 -0.86 -4.08
N ARG A 103 17.90 -1.73 -5.07
N ARG A 103 17.91 -1.74 -5.08
CA ARG A 103 16.85 -2.71 -5.31
CA ARG A 103 16.90 -2.76 -5.32
C ARG A 103 17.15 -3.95 -4.48
C ARG A 103 17.21 -3.95 -4.44
N GLY A 104 16.38 -4.16 -3.42
CA GLY A 104 16.58 -5.27 -2.50
C GLY A 104 15.48 -5.33 -1.48
N GLU A 105 15.62 -6.23 -0.51
CA GLU A 105 14.59 -6.46 0.50
C GLU A 105 15.18 -6.28 1.89
N VAL A 106 14.60 -5.37 2.67
CA VAL A 106 14.97 -5.21 4.08
C VAL A 106 14.30 -6.32 4.87
N ASP A 107 15.09 -7.05 5.65
CA ASP A 107 14.51 -8.10 6.50
C ASP A 107 14.68 -7.86 8.00
N ASP A 108 15.35 -6.77 8.38
CA ASP A 108 15.45 -6.40 9.80
C ASP A 108 15.77 -4.92 9.97
N VAL A 109 15.16 -4.31 11.00
CA VAL A 109 15.50 -2.97 11.45
C VAL A 109 15.64 -3.02 12.98
N GLU A 110 16.81 -2.62 13.49
CA GLU A 110 17.09 -2.65 14.92
C GLU A 110 17.40 -1.25 15.44
N ARG A 111 16.78 -0.89 16.57
CA ARG A 111 16.96 0.43 17.16
C ARG A 111 18.14 0.49 18.11
N GLU A 112 18.89 1.60 18.05
CA GLU A 112 20.03 1.85 18.92
CA GLU A 112 20.03 1.86 18.93
C GLU A 112 19.89 3.24 19.55
N GLY A 113 20.74 3.54 20.54
CA GLY A 113 20.78 4.87 21.17
C GLY A 113 19.58 5.23 22.03
N GLU A 114 19.62 6.44 22.59
CA GLU A 114 18.56 6.93 23.46
C GLU A 114 17.30 7.34 22.69
N ASP A 115 16.20 7.50 23.41
CA ASP A 115 14.93 7.97 22.83
C ASP A 115 15.05 9.36 22.20
N ASP A 116 15.94 10.19 22.74
CA ASP A 116 16.14 11.56 22.27
C ASP A 116 17.19 11.70 21.16
N ALA A 117 17.89 10.60 20.86
CA ALA A 117 18.83 10.56 19.73
C ALA A 117 18.80 9.17 19.09
N PRO A 118 17.66 8.82 18.47
CA PRO A 118 17.53 7.48 17.88
C PRO A 118 18.53 7.21 16.75
N ARG A 119 18.89 5.95 16.60
CA ARG A 119 19.67 5.46 15.47
C ARG A 119 19.17 4.06 15.15
N PHE A 120 19.32 3.63 13.90
CA PHE A 120 18.83 2.31 13.46
C PHE A 120 19.84 1.61 12.58
N THR A 121 19.87 0.28 12.68
CA THR A 121 20.58 -0.55 11.73
C THR A 121 19.56 -1.24 10.83
N VAL A 122 19.67 -1.01 9.53
CA VAL A 122 18.79 -1.61 8.53
C VAL A 122 19.56 -2.71 7.82
N ARG A 123 19.01 -3.93 7.82
CA ARG A 123 19.69 -5.09 7.26
CA ARG A 123 19.69 -5.09 7.26
C ARG A 123 18.89 -5.66 6.09
N LEU A 124 19.58 -5.94 4.98
CA LEU A 124 18.96 -6.49 3.78
C LEU A 124 19.17 -8.00 3.69
N VAL A 125 18.26 -8.66 2.97
CA VAL A 125 18.46 -10.06 2.59
C VAL A 125 19.75 -10.11 1.77
N GLY A 126 20.66 -11.01 2.14
CA GLY A 126 21.97 -11.10 1.51
C GLY A 126 23.11 -10.65 2.40
N GLY A 127 22.83 -9.76 3.35
CA GLY A 127 23.81 -9.37 4.37
C GLY A 127 24.20 -7.89 4.43
N VAL A 128 23.84 -7.11 3.42
CA VAL A 128 24.19 -5.68 3.41
C VAL A 128 23.43 -4.95 4.53
N ALA A 129 24.15 -4.12 5.29
CA ALA A 129 23.55 -3.34 6.37
C ALA A 129 23.91 -1.86 6.25
N LEU A 130 23.00 -1.01 6.73
CA LEU A 130 23.18 0.44 6.77
C LEU A 130 22.85 0.97 8.16
N SER A 131 23.57 2.00 8.59
CA SER A 131 23.24 2.73 9.82
C SER A 131 22.59 4.06 9.44
N THR A 132 21.51 4.42 10.15
CA THR A 132 20.74 5.62 9.82
C THR A 132 20.14 6.29 11.06
N ARG A 133 19.88 7.59 10.97
CA ARG A 133 19.27 8.33 12.07
C ARG A 133 17.77 8.06 12.17
N ARG A 134 17.11 7.87 11.03
CA ARG A 134 15.66 7.72 10.97
C ARG A 134 15.25 6.68 9.93
N VAL A 135 14.03 6.16 10.07
CA VAL A 135 13.47 5.20 9.12
C VAL A 135 12.03 5.61 8.74
N VAL A 136 11.72 5.52 7.46
CA VAL A 136 10.35 5.63 6.97
C VAL A 136 9.98 4.28 6.36
N VAL A 137 8.93 3.65 6.90
CA VAL A 137 8.44 2.38 6.38
C VAL A 137 7.25 2.65 5.46
N ALA A 138 7.41 2.32 4.19
CA ALA A 138 6.39 2.54 3.17
C ALA A 138 6.26 1.30 2.30
N THR A 139 6.01 0.18 2.96
CA THR A 139 6.12 -1.15 2.36
C THR A 139 4.81 -1.71 1.78
N GLY A 140 3.74 -0.92 1.85
CA GLY A 140 2.47 -1.30 1.23
C GLY A 140 1.73 -2.44 1.94
N LEU A 141 0.79 -3.03 1.21
CA LEU A 141 0.04 -4.18 1.70
C LEU A 141 -0.09 -5.24 0.61
N ARG A 142 -0.36 -6.47 1.04
CA ARG A 142 -0.55 -7.63 0.16
CA ARG A 142 -0.55 -7.60 0.14
C ARG A 142 -2.04 -7.95 0.05
N ASP A 143 -2.52 -8.13 -1.17
CA ASP A 143 -3.89 -8.58 -1.41
C ASP A 143 -3.89 -10.11 -1.46
N GLU A 144 -4.51 -10.74 -0.48
CA GLU A 144 -4.67 -12.20 -0.49
C GLU A 144 -5.99 -12.53 -1.17
N LEU A 145 -5.89 -13.17 -2.34
CA LEU A 145 -7.05 -13.41 -3.20
C LEU A 145 -7.64 -14.79 -2.96
N PRO A 146 -8.93 -14.97 -3.27
CA PRO A 146 -9.56 -16.28 -3.09
C PRO A 146 -8.99 -17.32 -4.05
N ASP A 147 -8.82 -18.54 -3.57
CA ASP A 147 -8.23 -19.62 -4.36
C ASP A 147 -9.29 -20.23 -5.27
N ILE A 148 -9.61 -19.50 -6.33
CA ILE A 148 -10.58 -19.93 -7.34
C ILE A 148 -9.90 -19.83 -8.70
N PRO A 149 -9.98 -20.90 -9.53
CA PRO A 149 -9.33 -20.86 -10.84
C PRO A 149 -9.71 -19.64 -11.68
N GLY A 150 -8.70 -18.97 -12.22
CA GLY A 150 -8.89 -17.76 -13.03
C GLY A 150 -8.61 -16.47 -12.30
N VAL A 151 -8.74 -16.47 -10.97
CA VAL A 151 -8.61 -15.25 -10.17
C VAL A 151 -7.21 -14.64 -10.28
N ARG A 152 -6.18 -15.45 -10.09
CA ARG A 152 -4.79 -14.99 -10.20
C ARG A 152 -4.47 -14.44 -11.58
N GLU A 153 -4.91 -15.16 -12.62
CA GLU A 153 -4.60 -14.79 -13.99
CA GLU A 153 -4.62 -14.80 -14.01
C GLU A 153 -5.23 -13.46 -14.39
N ARG A 154 -6.45 -13.20 -13.91
CA ARG A 154 -7.20 -12.01 -14.32
C ARG A 154 -7.08 -10.82 -13.37
N TRP A 155 -6.41 -11.00 -12.24
CA TRP A 155 -6.20 -9.92 -11.26
C TRP A 155 -5.58 -8.68 -11.90
N GLY A 156 -6.23 -7.53 -11.73
CA GLY A 156 -5.77 -6.27 -12.30
C GLY A 156 -6.25 -5.98 -13.72
N LYS A 157 -6.85 -6.99 -14.36
CA LYS A 157 -7.40 -6.83 -15.71
C LYS A 157 -8.92 -6.73 -15.64
N ASP A 158 -9.58 -7.86 -15.35
CA ASP A 158 -11.05 -7.88 -15.19
C ASP A 158 -11.51 -8.68 -13.96
N LEU A 159 -10.57 -9.09 -13.13
CA LEU A 159 -10.85 -9.50 -11.75
C LEU A 159 -10.21 -8.42 -10.89
N LEU A 160 -11.04 -7.62 -10.21
CA LEU A 160 -10.60 -6.36 -9.61
C LEU A 160 -11.11 -6.20 -8.18
N HIS A 161 -10.64 -5.16 -7.51
CA HIS A 161 -11.14 -4.84 -6.17
C HIS A 161 -11.70 -3.42 -6.08
N CYS A 162 -10.89 -2.43 -6.45
CA CYS A 162 -11.11 -1.04 -6.05
C CYS A 162 -12.08 -0.29 -7.03
N PRO A 163 -13.31 0.03 -6.57
CA PRO A 163 -14.24 0.77 -7.44
C PRO A 163 -13.81 2.20 -7.81
N TYR A 164 -13.03 2.86 -6.96
CA TYR A 164 -12.51 4.18 -7.29
C TYR A 164 -11.48 4.09 -8.42
N CYS A 165 -10.66 3.04 -8.37
CA CYS A 165 -9.62 2.82 -9.37
C CYS A 165 -10.19 2.39 -10.73
N HIS A 166 -11.24 1.57 -10.71
CA HIS A 166 -11.72 0.87 -11.90
C HIS A 166 -13.17 1.11 -12.29
N GLY A 167 -13.98 1.61 -11.36
CA GLY A 167 -15.42 1.73 -11.56
C GLY A 167 -15.80 2.48 -12.82
N TYR A 168 -15.22 3.67 -13.00
CA TYR A 168 -15.55 4.49 -14.16
C TYR A 168 -15.33 3.73 -15.46
N GLU A 169 -14.23 2.98 -15.53
CA GLU A 169 -13.84 2.27 -16.74
C GLU A 169 -14.78 1.11 -17.10
N VAL A 170 -15.55 0.63 -16.13
CA VAL A 170 -16.54 -0.43 -16.37
C VAL A 170 -17.97 0.04 -16.11
N SER A 171 -18.20 1.34 -16.26
CA SER A 171 -19.53 1.94 -16.06
C SER A 171 -20.59 1.23 -16.89
N ASP A 172 -21.73 0.92 -16.25
CA ASP A 172 -22.90 0.33 -16.90
C ASP A 172 -22.70 -1.09 -17.46
N GLN A 173 -21.57 -1.73 -17.14
CA GLN A 173 -21.32 -3.09 -17.63
C GLN A 173 -21.89 -4.13 -16.66
N PRO A 174 -22.02 -5.39 -17.11
CA PRO A 174 -22.47 -6.45 -16.19
C PRO A 174 -21.36 -6.84 -15.21
N LEU A 175 -21.50 -6.39 -13.96
CA LEU A 175 -20.48 -6.60 -12.93
C LEU A 175 -20.90 -7.72 -11.99
N GLY A 176 -19.92 -8.49 -11.53
CA GLY A 176 -20.15 -9.52 -10.52
C GLY A 176 -19.32 -9.27 -9.28
N VAL A 177 -19.79 -9.77 -8.14
CA VAL A 177 -19.04 -9.74 -6.89
C VAL A 177 -19.04 -11.15 -6.30
N LEU A 178 -17.85 -11.66 -5.96
CA LEU A 178 -17.75 -12.99 -5.34
C LEU A 178 -17.89 -12.89 -3.83
N GLY A 179 -18.69 -13.78 -3.25
CA GLY A 179 -18.90 -13.80 -1.80
C GLY A 179 -17.81 -14.53 -1.05
N THR A 180 -16.58 -14.02 -1.18
CA THR A 180 -15.40 -14.65 -0.60
C THR A 180 -14.87 -13.90 0.62
N SER A 181 -15.57 -12.85 1.03
CA SER A 181 -15.16 -12.00 2.15
C SER A 181 -16.39 -11.44 2.87
N PRO A 182 -16.28 -11.15 4.17
CA PRO A 182 -17.38 -10.49 4.88
C PRO A 182 -17.76 -9.12 4.33
N GLY A 183 -16.87 -8.49 3.57
CA GLY A 183 -17.14 -7.19 2.96
C GLY A 183 -17.86 -7.23 1.62
N ALA A 184 -18.16 -8.43 1.12
CA ALA A 184 -18.72 -8.60 -0.23
C ALA A 184 -20.09 -7.92 -0.42
N VAL A 185 -20.95 -7.99 0.58
CA VAL A 185 -22.28 -7.38 0.48
C VAL A 185 -22.15 -5.86 0.30
N ARG A 186 -21.40 -5.22 1.19
CA ARG A 186 -21.18 -3.77 1.10
C ARG A 186 -20.51 -3.39 -0.22
N HIS A 187 -19.63 -4.27 -0.71
CA HIS A 187 -18.92 -4.02 -1.97
C HIS A 187 -19.89 -4.02 -3.17
N ALA A 188 -20.84 -4.95 -3.17
CA ALA A 188 -21.87 -4.98 -4.23
C ALA A 188 -22.74 -3.72 -4.20
N LEU A 189 -23.10 -3.28 -3.01
CA LEU A 189 -23.90 -2.07 -2.85
C LEU A 189 -23.13 -0.84 -3.32
N LEU A 190 -21.83 -0.80 -3.03
CA LEU A 190 -20.94 0.26 -3.52
C LEU A 190 -20.86 0.27 -5.05
N LEU A 191 -20.69 -0.90 -5.65
CA LEU A 191 -20.56 -1.01 -7.10
C LEU A 191 -21.82 -0.61 -7.88
N ARG A 192 -22.98 -0.66 -7.22
CA ARG A 192 -24.23 -0.19 -7.84
C ARG A 192 -24.21 1.29 -8.20
N GLN A 193 -23.27 2.04 -7.61
CA GLN A 193 -23.06 3.43 -7.99
C GLN A 193 -22.48 3.56 -9.41
N TRP A 194 -21.85 2.51 -9.92
CA TRP A 194 -21.26 2.52 -11.27
C TRP A 194 -22.03 1.75 -12.34
N SER A 195 -22.93 0.84 -11.94
CA SER A 195 -23.73 0.08 -12.90
C SER A 195 -25.06 -0.36 -12.29
N ASP A 196 -26.10 -0.46 -13.12
CA ASP A 196 -27.38 -0.98 -12.64
CA ASP A 196 -27.40 -0.97 -12.72
C ASP A 196 -27.47 -2.50 -12.80
N ASP A 197 -26.39 -3.11 -13.30
CA ASP A 197 -26.29 -4.55 -13.50
C ASP A 197 -25.14 -5.11 -12.64
N VAL A 198 -25.46 -5.39 -11.38
CA VAL A 198 -24.50 -5.93 -10.41
C VAL A 198 -25.10 -7.17 -9.76
N VAL A 199 -24.37 -8.28 -9.79
CA VAL A 199 -24.82 -9.54 -9.20
C VAL A 199 -23.84 -9.99 -8.11
N LEU A 200 -24.39 -10.43 -6.97
CA LEU A 200 -23.60 -11.04 -5.92
C LEU A 200 -23.68 -12.56 -6.03
N PHE A 201 -22.52 -13.20 -6.20
CA PHE A 201 -22.43 -14.65 -6.13
C PHE A 201 -22.18 -14.99 -4.66
N ARG A 202 -23.22 -15.47 -3.97
N ARG A 202 -23.23 -15.48 -4.00
CA ARG A 202 -23.15 -15.63 -2.51
CA ARG A 202 -23.23 -15.70 -2.56
C ARG A 202 -22.01 -16.55 -2.05
C ARG A 202 -22.05 -16.54 -2.08
N HIS A 203 -21.76 -17.63 -2.79
CA HIS A 203 -20.62 -18.51 -2.48
C HIS A 203 -20.68 -19.03 -1.04
N GLY A 204 -21.88 -19.29 -0.53
CA GLY A 204 -22.07 -19.74 0.85
C GLY A 204 -21.75 -18.73 1.94
N LEU A 205 -21.61 -17.45 1.58
CA LEU A 205 -21.44 -16.38 2.56
C LEU A 205 -22.71 -16.24 3.38
N GLU A 206 -22.56 -16.12 4.71
CA GLU A 206 -23.72 -15.94 5.60
C GLU A 206 -24.27 -14.52 5.43
N LEU A 207 -25.51 -14.42 4.96
CA LEU A 207 -26.19 -13.13 4.80
C LEU A 207 -27.17 -12.92 5.96
N THR A 208 -27.19 -11.69 6.48
CA THR A 208 -28.15 -11.31 7.51
C THR A 208 -29.44 -10.80 6.86
N ASP A 209 -30.47 -10.60 7.67
CA ASP A 209 -31.72 -10.02 7.17
C ASP A 209 -31.49 -8.61 6.62
N ASP A 210 -30.64 -7.83 7.29
CA ASP A 210 -30.29 -6.49 6.82
C ASP A 210 -29.55 -6.54 5.47
N ASP A 211 -28.65 -7.50 5.30
CA ASP A 211 -27.95 -7.71 4.02
C ASP A 211 -28.97 -7.95 2.90
N ARG A 212 -29.89 -8.88 3.13
CA ARG A 212 -30.89 -9.24 2.13
C ARG A 212 -31.82 -8.08 1.78
N ARG A 213 -32.27 -7.34 2.80
CA ARG A 213 -33.11 -6.16 2.56
C ARG A 213 -32.39 -5.09 1.72
N ALA A 214 -31.12 -4.86 2.03
CA ALA A 214 -30.31 -3.86 1.32
C ALA A 214 -30.08 -4.25 -0.14
N LEU A 215 -29.69 -5.50 -0.35
CA LEU A 215 -29.45 -6.02 -1.70
C LEU A 215 -30.73 -5.98 -2.55
N SER A 216 -31.87 -6.36 -1.96
CA SER A 216 -33.16 -6.28 -2.65
C SER A 216 -33.51 -4.83 -3.01
N ALA A 217 -33.32 -3.92 -2.05
CA ALA A 217 -33.68 -2.51 -2.23
C ALA A 217 -32.83 -1.83 -3.31
N ARG A 218 -31.57 -2.23 -3.45
CA ARG A 218 -30.71 -1.68 -4.50
C ARG A 218 -30.67 -2.57 -5.75
N GLN A 219 -31.54 -3.59 -5.78
CA GLN A 219 -31.75 -4.42 -6.96
C GLN A 219 -30.46 -5.08 -7.44
N VAL A 220 -29.80 -5.75 -6.49
CA VAL A 220 -28.62 -6.58 -6.74
C VAL A 220 -29.06 -8.04 -6.57
N PRO A 221 -29.20 -8.78 -7.68
CA PRO A 221 -29.54 -10.20 -7.53
C PRO A 221 -28.47 -10.98 -6.76
N VAL A 222 -28.91 -11.96 -5.97
CA VAL A 222 -28.00 -12.85 -5.27
C VAL A 222 -28.15 -14.24 -5.85
N ILE A 223 -27.10 -14.73 -6.48
CA ILE A 223 -27.10 -16.06 -7.10
C ILE A 223 -26.44 -17.04 -6.14
N GLU A 224 -27.16 -18.12 -5.82
CA GLU A 224 -26.70 -19.16 -4.89
CA GLU A 224 -26.63 -19.09 -4.88
C GLU A 224 -25.80 -20.15 -5.59
N GLY A 225 -24.87 -20.74 -4.85
CA GLY A 225 -24.01 -21.81 -5.35
C GLY A 225 -22.53 -21.55 -5.16
N THR A 226 -21.77 -22.63 -5.02
CA THR A 226 -20.31 -22.54 -4.95
C THR A 226 -19.76 -22.14 -6.32
N VAL A 227 -18.97 -21.08 -6.35
CA VAL A 227 -18.29 -20.63 -7.56
C VAL A 227 -17.12 -21.58 -7.85
N LYS A 228 -17.11 -22.14 -9.05
CA LYS A 228 -16.09 -23.12 -9.44
CA LYS A 228 -16.08 -23.12 -9.45
C LYS A 228 -14.88 -22.44 -10.08
N ARG A 229 -15.12 -21.53 -11.02
CA ARG A 229 -14.05 -20.88 -11.78
CA ARG A 229 -14.05 -20.87 -11.75
C ARG A 229 -14.54 -19.62 -12.46
N LEU A 230 -13.60 -18.77 -12.85
CA LEU A 230 -13.87 -17.66 -13.75
C LEU A 230 -13.69 -18.23 -15.15
N VAL A 231 -14.61 -17.88 -16.05
CA VAL A 231 -14.55 -18.34 -17.44
C VAL A 231 -13.85 -17.28 -18.28
N VAL A 232 -12.72 -17.66 -18.89
CA VAL A 232 -11.91 -16.76 -19.69
C VAL A 232 -11.77 -17.31 -21.11
N GLU A 233 -12.08 -16.48 -22.10
CA GLU A 233 -11.96 -16.87 -23.51
C GLU A 233 -11.39 -15.70 -24.33
N ASP A 234 -10.39 -15.99 -25.16
CA ASP A 234 -9.70 -14.98 -25.97
C ASP A 234 -9.18 -13.81 -25.14
N ASP A 235 -8.56 -14.14 -24.01
CA ASP A 235 -7.93 -13.15 -23.12
C ASP A 235 -8.89 -12.12 -22.52
N ARG A 236 -10.13 -12.53 -22.30
CA ARG A 236 -11.08 -11.70 -21.55
C ARG A 236 -12.06 -12.54 -20.77
N LEU A 237 -12.39 -12.05 -19.58
CA LEU A 237 -13.38 -12.69 -18.71
C LEU A 237 -14.75 -12.68 -19.39
N ARG A 238 -15.40 -13.85 -19.40
CA ARG A 238 -16.72 -14.01 -19.99
C ARG A 238 -17.80 -14.25 -18.96
N GLY A 239 -17.43 -14.78 -17.79
CA GLY A 239 -18.40 -15.04 -16.74
C GLY A 239 -17.89 -15.88 -15.59
N VAL A 240 -18.84 -16.39 -14.81
CA VAL A 240 -18.57 -17.16 -13.61
C VAL A 240 -19.30 -18.49 -13.73
N GLU A 241 -18.59 -19.59 -13.50
CA GLU A 241 -19.19 -20.93 -13.52
C GLU A 241 -19.41 -21.41 -12.09
N LEU A 242 -20.58 -22.01 -11.85
CA LEU A 242 -20.97 -22.51 -10.53
C LEU A 242 -20.75 -24.03 -10.44
N ALA A 243 -20.84 -24.55 -9.21
CA ALA A 243 -20.49 -25.96 -8.89
C ALA A 243 -21.01 -27.03 -9.84
N GLU A 244 -22.27 -26.90 -10.26
CA GLU A 244 -22.89 -27.92 -11.12
C GLU A 244 -23.10 -27.41 -12.55
N ASP A 245 -22.10 -26.68 -13.05
CA ASP A 245 -21.97 -26.32 -14.47
C ASP A 245 -22.88 -25.20 -14.99
N SER A 246 -23.68 -24.58 -14.11
CA SER A 246 -24.39 -23.37 -14.48
C SER A 246 -23.40 -22.23 -14.60
N GLY A 247 -23.68 -21.29 -15.49
CA GLY A 247 -22.82 -20.13 -15.69
C GLY A 247 -23.60 -18.84 -15.76
N VAL A 248 -22.96 -17.76 -15.34
CA VAL A 248 -23.54 -16.42 -15.44
C VAL A 248 -22.54 -15.53 -16.14
N ALA A 249 -22.95 -14.95 -17.27
CA ALA A 249 -22.08 -14.07 -18.04
C ALA A 249 -21.89 -12.74 -17.32
N ARG A 250 -20.63 -12.31 -17.24
CA ARG A 250 -20.23 -11.03 -16.65
C ARG A 250 -19.02 -10.53 -17.45
N SER A 251 -18.83 -9.22 -17.52
CA SER A 251 -17.64 -8.66 -18.17
C SER A 251 -16.51 -8.41 -17.17
N THR A 252 -16.88 -8.14 -15.92
CA THR A 252 -15.92 -7.79 -14.87
C THR A 252 -16.40 -8.36 -13.54
N VAL A 253 -15.48 -8.91 -12.76
CA VAL A 253 -15.81 -9.46 -11.44
C VAL A 253 -14.94 -8.79 -10.38
N PHE A 254 -15.56 -8.46 -9.24
CA PHE A 254 -14.88 -7.82 -8.13
C PHE A 254 -14.82 -8.73 -6.91
N VAL A 255 -13.75 -8.58 -6.14
CA VAL A 255 -13.60 -9.25 -4.85
C VAL A 255 -13.11 -8.25 -3.82
N VAL A 256 -13.31 -8.56 -2.55
CA VAL A 256 -12.66 -7.85 -1.46
C VAL A 256 -11.58 -8.78 -0.92
N PRO A 257 -10.31 -8.54 -1.31
CA PRO A 257 -9.24 -9.40 -0.79
C PRO A 257 -9.05 -9.25 0.71
N ARG A 258 -8.40 -10.24 1.33
CA ARG A 258 -7.88 -10.04 2.69
CA ARG A 258 -7.89 -10.06 2.68
C ARG A 258 -6.63 -9.20 2.54
N MET A 259 -6.69 -7.97 3.03
CA MET A 259 -5.59 -7.02 2.86
C MET A 259 -4.68 -7.02 4.08
N VAL A 260 -3.45 -7.46 3.86
CA VAL A 260 -2.50 -7.67 4.94
C VAL A 260 -1.34 -6.69 4.79
N PRO A 261 -1.23 -5.70 5.71
CA PRO A 261 -0.12 -4.75 5.61
C PRO A 261 1.23 -5.40 5.84
N ARG A 262 2.25 -4.94 5.11
CA ARG A 262 3.60 -5.44 5.31
C ARG A 262 4.26 -4.70 6.47
N ASP A 263 3.75 -4.94 7.68
CA ASP A 263 4.17 -4.18 8.87
C ASP A 263 5.04 -4.99 9.85
N GLY A 264 5.60 -6.11 9.38
CA GLY A 264 6.44 -6.96 10.22
C GLY A 264 7.62 -6.23 10.85
N LEU A 265 8.25 -5.34 10.09
CA LEU A 265 9.39 -4.57 10.59
C LEU A 265 8.97 -3.59 11.69
N LEU A 266 7.76 -3.06 11.58
CA LEU A 266 7.21 -2.15 12.58
C LEU A 266 6.86 -2.90 13.87
N THR A 267 6.23 -4.07 13.73
CA THR A 267 5.93 -4.91 14.88
C THR A 267 7.20 -5.30 15.64
N ALA A 268 8.24 -5.68 14.90
CA ALA A 268 9.52 -6.08 15.50
C ALA A 268 10.21 -4.94 16.25
N LEU A 269 9.99 -3.71 15.78
CA LEU A 269 10.52 -2.51 16.46
C LEU A 269 9.74 -2.15 17.74
N GLY A 270 8.57 -2.77 17.92
CA GLY A 270 7.74 -2.51 19.09
C GLY A 270 6.70 -1.42 18.88
N CYS A 271 6.39 -1.12 17.62
CA CYS A 271 5.39 -0.12 17.29
C CYS A 271 4.02 -0.59 17.74
N GLU A 272 3.29 0.27 18.45
CA GLU A 272 1.98 -0.08 18.98
C GLU A 272 0.93 -0.17 17.87
N ARG A 273 0.00 -1.10 18.02
CA ARG A 273 -1.13 -1.25 17.09
C ARG A 273 -2.36 -0.57 17.71
N GLY A 274 -3.21 -0.02 16.85
CA GLY A 274 -4.50 0.51 17.28
C GLY A 274 -5.48 -0.62 17.54
N ALA A 275 -6.66 -0.27 18.03
CA ALA A 275 -7.72 -1.25 18.29
C ALA A 275 -8.16 -1.96 17.01
N ASP A 276 -8.03 -1.27 15.87
CA ASP A 276 -8.39 -1.84 14.56
C ASP A 276 -7.38 -2.88 14.02
N GLY A 277 -6.24 -3.02 14.68
CA GLY A 277 -5.24 -4.01 14.30
C GLY A 277 -4.11 -3.50 13.42
N TRP A 278 -4.19 -2.23 13.02
CA TRP A 278 -3.16 -1.61 12.18
C TRP A 278 -2.19 -0.80 13.05
N ILE A 279 -0.96 -0.63 12.57
CA ILE A 279 0.05 0.13 13.31
C ILE A 279 -0.44 1.56 13.49
N ALA A 280 -0.40 2.05 14.72
CA ALA A 280 -0.91 3.38 15.05
C ALA A 280 0.09 4.45 14.66
N THR A 281 -0.43 5.55 14.11
CA THR A 281 0.40 6.71 13.80
C THR A 281 -0.32 8.00 14.18
N ASP A 282 0.45 9.07 14.35
CA ASP A 282 -0.13 10.40 14.39
C ASP A 282 -0.41 10.84 12.94
N ARG A 283 -0.88 12.06 12.75
CA ARG A 283 -1.33 12.48 11.42
C ARG A 283 -0.20 12.77 10.43
N SER A 284 1.05 12.75 10.90
CA SER A 284 2.21 12.84 10.00
C SER A 284 2.79 11.46 9.67
N GLY A 285 2.30 10.42 10.34
CA GLY A 285 2.80 9.05 10.15
C GLY A 285 3.79 8.58 11.21
N LEU A 286 4.01 9.38 12.26
CA LEU A 286 4.94 9.00 13.32
C LEU A 286 4.33 7.89 14.17
N THR A 287 5.07 6.80 14.35
CA THR A 287 4.63 5.65 15.14
C THR A 287 4.96 5.88 16.62
N SER A 288 4.67 4.89 17.46
CA SER A 288 4.98 4.96 18.89
C SER A 288 6.47 4.81 19.20
N VAL A 289 7.26 4.39 18.22
CA VAL A 289 8.70 4.26 18.38
C VAL A 289 9.38 5.54 17.86
N PRO A 290 10.14 6.23 18.73
CA PRO A 290 10.79 7.46 18.27
C PRO A 290 11.69 7.24 17.05
N GLY A 291 11.56 8.13 16.06
CA GLY A 291 12.39 8.09 14.86
C GLY A 291 11.86 7.21 13.73
N VAL A 292 10.70 6.59 13.94
CA VAL A 292 10.13 5.65 12.96
C VAL A 292 8.79 6.15 12.44
N TRP A 293 8.75 6.48 11.14
CA TRP A 293 7.52 6.91 10.46
C TRP A 293 7.00 5.76 9.59
N ALA A 294 5.69 5.77 9.34
CA ALA A 294 5.06 4.80 8.45
C ALA A 294 4.02 5.51 7.59
N VAL A 295 4.04 5.26 6.28
CA VAL A 295 3.14 5.93 5.33
C VAL A 295 2.60 4.98 4.27
N GLY A 296 1.42 5.30 3.75
CA GLY A 296 0.77 4.55 2.69
C GLY A 296 -0.04 3.35 3.14
N ASN A 297 -0.16 2.37 2.25
CA ASN A 297 -0.98 1.17 2.49
C ASN A 297 -0.52 0.33 3.69
N VAL A 298 0.73 0.46 4.14
CA VAL A 298 1.19 -0.28 5.32
C VAL A 298 0.43 0.13 6.59
N VAL A 299 -0.11 1.35 6.61
CA VAL A 299 -0.93 1.81 7.74
C VAL A 299 -2.37 2.22 7.38
N ASP A 300 -2.70 2.32 6.10
CA ASP A 300 -4.02 2.78 5.67
C ASP A 300 -4.48 2.01 4.43
N PRO A 301 -5.44 1.06 4.60
CA PRO A 301 -5.90 0.29 3.44
C PRO A 301 -6.75 1.08 2.42
N ARG A 302 -7.14 2.29 2.79
N ARG A 302 -7.10 2.30 2.77
CA ARG A 302 -7.95 3.16 1.93
CA ARG A 302 -7.90 3.13 1.90
C ARG A 302 -7.11 4.17 1.14
C ARG A 302 -7.08 4.15 1.12
N ALA A 303 -5.79 4.19 1.37
CA ALA A 303 -4.91 5.17 0.75
C ALA A 303 -4.65 4.88 -0.74
N LEU A 304 -5.30 5.66 -1.60
CA LEU A 304 -5.03 5.63 -3.03
C LEU A 304 -3.64 6.24 -3.29
N VAL A 305 -3.17 6.20 -4.53
CA VAL A 305 -1.77 6.54 -4.81
C VAL A 305 -1.44 7.98 -4.39
N VAL A 306 -2.30 8.93 -4.76
CA VAL A 306 -2.05 10.32 -4.43
C VAL A 306 -2.10 10.58 -2.92
N SER A 307 -2.93 9.82 -2.20
CA SER A 307 -2.98 9.92 -0.73
C SER A 307 -1.70 9.36 -0.10
N SER A 308 -1.15 8.31 -0.68
CA SER A 308 0.11 7.76 -0.21
C SER A 308 1.26 8.76 -0.44
N ALA A 309 1.30 9.37 -1.61
CA ALA A 309 2.26 10.44 -1.89
C ALA A 309 2.10 11.59 -0.90
N GLY A 310 0.86 11.99 -0.66
CA GLY A 310 0.55 13.06 0.29
C GLY A 310 1.05 12.78 1.70
N MET A 311 0.84 11.53 2.15
N MET A 311 0.89 11.54 2.16
CA MET A 311 1.34 11.03 3.44
CA MET A 311 1.02 11.04 4.29
CA MET A 311 1.36 11.19 3.49
C MET A 311 2.86 11.08 3.50
C MET A 311 2.88 11.04 3.54
N GLY A 312 3.51 10.70 2.41
CA GLY A 312 4.97 10.71 2.32
C GLY A 312 5.53 12.11 2.52
N SER A 313 4.91 13.10 1.88
CA SER A 313 5.30 14.50 2.05
C SER A 313 5.11 14.95 3.51
N ALA A 314 3.97 14.58 4.11
CA ALA A 314 3.67 14.97 5.49
C ALA A 314 4.68 14.34 6.47
N ALA A 315 5.07 13.10 6.22
CA ALA A 315 6.08 12.43 7.04
C ALA A 315 7.43 13.13 6.93
N ALA A 316 7.83 13.48 5.71
CA ALA A 316 9.09 14.18 5.47
C ALA A 316 9.14 15.53 6.21
N PHE A 317 8.04 16.26 6.13
CA PHE A 317 7.88 17.55 6.82
C PHE A 317 8.15 17.39 8.32
N ALA A 318 7.43 16.47 8.95
CA ALA A 318 7.56 16.22 10.38
C ALA A 318 8.93 15.66 10.77
N LEU A 319 9.43 14.73 9.96
CA LEU A 319 10.70 14.08 10.23
C LEU A 319 11.86 15.07 10.19
N ASN A 320 11.91 15.90 9.15
CA ASN A 320 12.96 16.91 9.06
C ASN A 320 12.89 17.92 10.20
N HIS A 321 11.68 18.35 10.53
CA HIS A 321 11.47 19.28 11.64
C HIS A 321 12.06 18.74 12.93
N GLN A 322 11.81 17.46 13.22
CA GLN A 322 12.28 16.89 14.46
C GLN A 322 13.78 16.59 14.42
N LEU A 323 14.33 16.30 13.24
CA LEU A 323 15.79 16.19 13.07
C LEU A 323 16.47 17.52 13.39
N VAL A 324 15.87 18.63 12.94
CA VAL A 324 16.39 19.95 13.28
C VAL A 324 16.37 20.15 14.79
N ASP A 325 15.28 19.78 15.44
CA ASP A 325 15.19 19.88 16.91
C ASP A 325 16.33 19.11 17.58
N GLU A 326 16.63 17.92 17.07
CA GLU A 326 17.76 17.13 17.58
C GLU A 326 19.11 17.77 17.25
N ASP A 327 19.26 18.27 16.02
CA ASP A 327 20.48 18.98 15.60
C ASP A 327 20.76 20.16 16.53
N VAL A 328 19.72 20.92 16.86
CA VAL A 328 19.84 22.10 17.73
C VAL A 328 20.19 21.68 19.16
N ALA A 329 19.45 20.71 19.70
CA ALA A 329 19.69 20.23 21.07
C ALA A 329 21.10 19.68 21.24
N SER A 330 21.60 18.96 20.24
CA SER A 330 22.96 18.42 20.26
C SER A 330 24.03 19.52 20.20
N ALA A 331 23.76 20.55 19.41
CA ALA A 331 24.67 21.69 19.29
C ALA A 331 24.72 22.50 20.58
N VAL A 332 23.56 22.70 21.20
CA VAL A 332 23.46 23.41 22.47
C VAL A 332 24.21 22.63 23.57
N ARG A 333 24.00 21.32 23.59
CA ARG A 333 24.69 20.40 24.52
CA ARG A 333 24.68 20.44 24.54
C ARG A 333 26.21 20.50 24.38
N ALA A 334 26.68 20.46 23.13
CA ALA A 334 28.12 20.49 22.84
C ALA A 334 28.77 21.83 23.18
N ALA A 335 28.08 22.92 22.86
CA ALA A 335 28.57 24.27 23.18
C ALA A 335 28.67 24.49 24.69
N ALA A 336 27.74 23.89 25.44
CA ALA A 336 27.74 24.00 26.90
C ALA A 336 28.80 23.09 27.56
N ARG A 337 29.23 22.06 26.84
CA ARG A 337 30.28 21.15 27.32
C ARG A 337 31.65 21.82 27.22
N THR A 338 32.00 22.22 26.00
CA THR A 338 33.25 22.94 25.75
C THR A 338 33.21 24.30 26.43
N VAL A 339 32.01 24.88 26.49
CA VAL A 339 31.76 26.21 27.08
C VAL A 339 32.88 27.20 26.75
N ALA A 340 32.82 27.71 25.52
CA ALA A 340 33.82 28.63 25.00
C ALA A 340 35.15 27.91 24.79
N1 GSH B . -12.18 0.50 2.38
CA1 GSH B . -13.60 0.45 2.05
C1 GSH B . -14.37 0.30 3.38
O11 GSH B . -14.47 -0.86 3.84
O12 GSH B . -14.85 1.34 3.90
CB1 GSH B . -13.94 -0.77 1.23
CG1 GSH B . -14.58 -0.40 -0.11
CD1 GSH B . -13.53 0.28 -0.99
OE1 GSH B . -13.50 1.49 -1.16
N2 GSH B . -12.74 -0.60 -1.64
CA2 GSH B . -11.65 -0.19 -2.52
C2 GSH B . -10.48 0.06 -1.66
O2 GSH B . -10.39 -0.28 -0.48
CB2 GSH B . -11.75 1.24 -3.03
SG2 GSH B . -11.57 1.63 -4.81
N3 GSH B . -9.64 0.83 -2.34
CA3 GSH B . -8.55 1.42 -1.70
C3 GSH B . -7.14 1.01 -2.21
O31 GSH B . -7.01 0.34 -3.40
O32 GSH B . -6.08 1.36 -1.56
PA FAD C . 3.18 0.43 -2.94
O1A FAD C . 2.89 1.31 -4.14
O2A FAD C . 2.62 -0.97 -2.93
O5B FAD C . 4.77 0.34 -2.77
C5B FAD C . 5.33 -0.41 -1.71
C4B FAD C . 6.75 -0.79 -2.10
O4B FAD C . 7.43 -1.33 -0.97
C3B FAD C . 6.79 -1.86 -3.19
O3B FAD C . 7.51 -1.38 -4.34
C2B FAD C . 7.47 -3.05 -2.55
O2B FAD C . 8.33 -3.75 -3.46
C1B FAD C . 8.26 -2.41 -1.42
N9A FAD C . 8.58 -3.26 -0.26
C8A FAD C . 7.72 -3.96 0.50
N7A FAD C . 8.36 -4.61 1.49
C5A FAD C . 9.67 -4.31 1.38
C6A FAD C . 10.91 -4.66 2.10
N6A FAD C . 10.87 -5.49 3.17
N1A FAD C . 12.08 -4.14 1.65
C2A FAD C . 12.14 -3.32 0.58
N3A FAD C . 11.04 -2.96 -0.12
C4A FAD C . 9.81 -3.43 0.22
N1 FAD C . -4.67 3.52 -6.72
C2 FAD C . -4.93 4.63 -7.45
O2 FAD C . -4.81 5.74 -6.88
N3 FAD C . -5.32 4.59 -8.74
C4 FAD C . -5.48 3.42 -9.40
O4 FAD C . -5.84 3.41 -10.58
C4X FAD C . -5.20 2.15 -8.68
N5 FAD C . -5.32 0.93 -9.26
C5X FAD C . -5.07 -0.20 -8.54
C6 FAD C . -5.20 -1.44 -9.17
C7 FAD C . -4.95 -2.61 -8.47
C7M FAD C . -5.10 -3.95 -9.16
C8 FAD C . -4.52 -2.56 -7.05
C8M FAD C . -4.25 -3.82 -6.28
C9 FAD C . -4.39 -1.32 -6.42
C9A FAD C . -4.64 -0.14 -7.11
N10 FAD C . -4.51 1.14 -6.50
C10 FAD C . -4.78 2.28 -7.27
C1' FAD C . -4.09 1.32 -5.10
C2' FAD C . -2.57 1.46 -5.06
O2' FAD C . -1.97 0.17 -5.29
C3' FAD C . -2.09 2.00 -3.71
O3' FAD C . -2.74 3.25 -3.44
C4' FAD C . -0.57 2.23 -3.67
O4' FAD C . 0.14 1.09 -4.16
C5' FAD C . -0.10 2.51 -2.25
O5' FAD C . 1.21 3.08 -2.31
P FAD C . 2.35 2.69 -1.25
O1P FAD C . 1.74 2.64 0.13
O2P FAD C . 3.54 3.56 -1.54
O3P FAD C . 2.70 1.14 -1.57
C1 GOL D . -8.17 -1.81 -15.08
O1 GOL D . -6.92 -2.49 -15.24
C2 GOL D . -8.98 -1.88 -16.37
O2 GOL D . -8.78 -3.15 -16.99
C3 GOL D . -10.46 -1.67 -16.06
O3 GOL D . -11.23 -1.84 -17.25
CL CL E . -16.90 -2.35 0.12
P PO4 F . -7.65 10.70 15.16
O1 PO4 F . -8.87 11.59 15.28
O2 PO4 F . -6.36 11.55 14.53
O3 PO4 F . -7.23 10.24 16.54
O4 PO4 F . -8.01 9.51 14.31
#